data_2VVT
#
_entry.id   2VVT
#
_cell.length_a   44.402
_cell.length_b   69.432
_cell.length_c   165.120
_cell.angle_alpha   90.00
_cell.angle_beta   90.00
_cell.angle_gamma   90.00
#
_symmetry.space_group_name_H-M   'P 21 21 21'
#
loop_
_entity.id
_entity.type
_entity.pdbx_description
1 polymer 'GLUTAMATE RACEMASE'
2 non-polymer 2-butoxy-9-(2,6-difluorobenzyl)-N-(2-morpholin-4-ylethyl)-9H-purin-6-amine
3 non-polymer 'D-GLUTAMIC ACID'
4 water water
#
_entity_poly.entity_id   1
_entity_poly.type   'polypeptide(L)'
_entity_poly.pdbx_seq_one_letter_code
;MGSSHHHHHHSSGLVPRGSHMSNQEAIGLIDSGVGGLTVLKEALKQLPNERLIYLGDTARCPYGPRPAEQVVQFTWEMAD
FLLKKRIKMLVIACNTATAVALEEIKAALPIPVVGVILPGARAAVKVTKNNKIGVIGTLGTIKSASYEIAIKSKAPAIEV
TSLACPKFVPIVESNQYRSSVAKKIVAETLQALQLKGLDTLILGCTHYPLLRPVIQNVMGSHVTLIDSGAETVGEVSMLL
DYFDIAHTPEAPTQPHEFYTTGSAKMFEEIASSWLGIENLKAQQIHLGGN
;
_entity_poly.pdbx_strand_id   A,B
#
loop_
_chem_comp.id
_chem_comp.type
_chem_comp.name
_chem_comp.formula
I24 non-polymer 2-butoxy-9-(2,6-difluorobenzyl)-N-(2-morpholin-4-ylethyl)-9H-purin-6-amine 'C22 H28 F2 N6 O2'
#
# COMPACT_ATOMS: atom_id res chain seq x y z
N VAL A 15 24.35 16.65 18.82
CA VAL A 15 25.44 16.33 17.87
C VAL A 15 26.07 17.65 17.39
N PRO A 16 27.29 17.62 16.90
CA PRO A 16 28.01 18.85 16.56
C PRO A 16 27.22 19.74 15.59
N ARG A 17 26.38 19.13 14.77
CA ARG A 17 25.53 19.81 13.80
C ARG A 17 24.50 20.70 14.48
N GLY A 18 24.27 20.42 15.75
CA GLY A 18 23.20 21.05 16.52
C GLY A 18 22.16 19.99 16.79
N SER A 19 21.03 20.08 16.13
CA SER A 19 20.04 19.00 16.13
C SER A 19 20.37 18.02 14.99
N HIS A 20 19.77 16.83 15.03
CA HIS A 20 19.93 15.87 13.93
C HIS A 20 19.36 16.44 12.65
N MET A 21 19.84 15.95 11.51
CA MET A 21 19.19 16.27 10.22
C MET A 21 17.74 15.81 10.36
N SER A 22 16.81 16.53 9.73
CA SER A 22 15.37 16.28 9.90
C SER A 22 15.07 14.82 9.61
N ASN A 23 15.62 14.33 8.51
CA ASN A 23 15.38 12.96 8.08
C ASN A 23 16.02 11.91 8.97
N GLN A 24 16.98 12.32 9.80
CA GLN A 24 17.67 11.37 10.67
C GLN A 24 16.94 11.16 12.00
N GLU A 25 15.90 11.95 12.24
CA GLU A 25 15.13 11.82 13.47
C GLU A 25 14.32 10.54 13.42
N ALA A 26 13.89 10.10 14.60
CA ALA A 26 13.18 8.85 14.72
C ALA A 26 11.72 9.01 14.27
N ILE A 27 11.12 7.87 13.93
CA ILE A 27 9.67 7.72 13.79
C ILE A 27 9.17 7.23 15.14
N GLY A 28 8.14 7.89 15.64
CA GLY A 28 7.54 7.50 16.89
C GLY A 28 6.31 6.65 16.67
N LEU A 29 6.15 5.64 17.52
CA LEU A 29 4.98 4.78 17.51
C LEU A 29 4.38 4.76 18.91
N ILE A 30 3.06 4.94 19.00
CA ILE A 30 2.36 4.88 20.26
C ILE A 30 1.26 3.84 20.25
N ASP A 31 1.10 3.19 21.39
CA ASP A 31 0.14 2.08 21.50
C ASP A 31 -0.25 1.94 22.97
N SER A 32 -1.34 1.23 23.22
CA SER A 32 -1.80 0.98 24.59
C SER A 32 -0.92 0.06 25.41
N GLY A 33 0.05 -0.62 24.78
CA GLY A 33 0.91 -1.52 25.54
C GLY A 33 1.98 -2.16 24.67
N VAL A 34 2.10 -3.48 24.77
CA VAL A 34 3.07 -4.21 23.97
C VAL A 34 2.48 -4.70 22.64
N GLY A 35 1.16 -4.73 22.51
CA GLY A 35 0.58 -5.26 21.26
C GLY A 35 1.08 -4.55 20.02
N GLY A 36 1.28 -3.25 20.12
CA GLY A 36 1.73 -2.44 19.00
C GLY A 36 3.09 -2.81 18.48
N LEU A 37 3.81 -3.69 19.17
CA LEU A 37 5.07 -4.20 18.65
C LEU A 37 4.86 -5.06 17.39
N THR A 38 3.62 -5.44 17.09
CA THR A 38 3.36 -6.09 15.78
C THR A 38 3.58 -5.07 14.68
N VAL A 39 3.25 -3.83 14.95
CA VAL A 39 3.46 -2.74 13.97
C VAL A 39 4.95 -2.41 13.93
N LEU A 40 5.58 -2.29 15.09
CA LEU A 40 7.00 -2.01 15.11
C LEU A 40 7.81 -3.09 14.38
N LYS A 41 7.43 -4.35 14.57
CA LYS A 41 8.19 -5.42 13.94
C LYS A 41 8.10 -5.27 12.42
N GLU A 42 6.95 -4.83 11.94
CA GLU A 42 6.83 -4.59 10.51
C GLU A 42 7.72 -3.44 10.04
N ALA A 43 7.93 -2.44 10.91
CA ALA A 43 8.83 -1.34 10.57
C ALA A 43 10.28 -1.82 10.56
N LEU A 44 10.62 -2.72 11.46
CA LEU A 44 11.97 -3.27 11.44
C LEU A 44 12.25 -3.98 10.11
N LYS A 45 11.22 -4.63 9.57
CA LYS A 45 11.32 -5.43 8.33
C LYS A 45 11.28 -4.58 7.07
N GLN A 46 10.32 -3.66 6.98
CA GLN A 46 10.11 -2.90 5.76
C GLN A 46 10.88 -1.60 5.71
N LEU A 47 11.28 -1.11 6.89
CA LEU A 47 11.98 0.19 7.04
C LEU A 47 13.17 0.06 7.97
N PRO A 48 14.05 -0.89 7.69
CA PRO A 48 15.18 -1.17 8.58
C PRO A 48 16.14 0.00 8.76
N ASN A 49 16.18 0.94 7.84
CA ASN A 49 17.07 2.12 7.99
C ASN A 49 16.57 3.18 8.97
N GLU A 50 15.28 3.11 9.32
CA GLU A 50 14.70 4.10 10.21
C GLU A 50 14.97 3.80 11.68
N ARG A 51 15.22 4.86 12.45
CA ARG A 51 15.30 4.77 13.92
C ARG A 51 13.88 4.90 14.46
N LEU A 52 13.55 4.08 15.44
CA LEU A 52 12.22 4.03 16.00
C LEU A 52 12.22 4.39 17.50
N ILE A 53 11.18 5.08 17.95
CA ILE A 53 10.92 5.29 19.37
C ILE A 53 9.50 4.82 19.62
N TYR A 54 9.34 3.90 20.56
CA TYR A 54 8.06 3.26 20.83
C TYR A 54 7.65 3.54 22.26
N LEU A 55 6.38 3.86 22.45
CA LEU A 55 5.81 4.05 23.78
C LEU A 55 4.52 3.24 23.88
N GLY A 56 4.46 2.36 24.88
CA GLY A 56 3.23 1.61 25.14
C GLY A 56 2.68 1.90 26.53
N ASP A 57 1.41 2.25 26.60
CA ASP A 57 0.78 2.66 27.87
C ASP A 57 0.29 1.46 28.69
N THR A 58 1.21 0.54 28.98
CA THR A 58 0.85 -0.71 29.61
C THR A 58 0.09 -0.52 30.92
N ALA A 59 0.36 0.55 31.66
CA ALA A 59 -0.36 0.79 32.92
C ALA A 59 -1.87 1.03 32.74
N ARG A 60 -2.31 1.42 31.55
CA ARG A 60 -3.73 1.70 31.32
C ARG A 60 -4.36 0.82 30.24
N CYS A 61 -3.57 -0.09 29.68
CA CYS A 61 -4.12 -1.08 28.75
C CYS A 61 -5.14 -1.95 29.50
N PRO A 62 -6.26 -2.35 28.84
CA PRO A 62 -6.68 -2.11 27.49
C PRO A 62 -7.43 -0.82 27.26
N TYR A 63 -7.27 -0.27 26.05
CA TYR A 63 -8.10 0.83 25.60
C TYR A 63 -9.42 0.38 25.00
N GLY A 64 -9.47 -0.86 24.50
CA GLY A 64 -10.66 -1.44 23.82
C GLY A 64 -12.02 -1.08 24.38
N PRO A 65 -12.19 -1.32 25.70
CA PRO A 65 -13.50 -1.08 26.34
C PRO A 65 -13.74 0.33 26.91
N ARG A 66 -12.74 1.21 26.83
CA ARG A 66 -12.80 2.51 27.48
C ARG A 66 -13.64 3.49 26.70
N PRO A 67 -14.19 4.51 27.39
CA PRO A 67 -14.90 5.58 26.72
C PRO A 67 -13.97 6.33 25.78
N ALA A 68 -14.50 6.81 24.66
CA ALA A 68 -13.69 7.56 23.70
C ALA A 68 -12.90 8.70 24.33
N GLU A 69 -13.55 9.47 25.23
CA GLU A 69 -12.88 10.61 25.86
C GLU A 69 -11.62 10.25 26.61
N GLN A 70 -11.65 9.10 27.29
CA GLN A 70 -10.49 8.62 28.03
C GLN A 70 -9.37 8.24 27.06
N VAL A 71 -9.74 7.51 26.03
CA VAL A 71 -8.76 7.09 25.02
C VAL A 71 -8.10 8.28 24.34
N VAL A 72 -8.89 9.29 24.00
CA VAL A 72 -8.29 10.51 23.41
C VAL A 72 -7.31 11.15 24.37
N GLN A 73 -7.69 11.25 25.66
CA GLN A 73 -6.80 11.83 26.66
C GLN A 73 -5.46 11.11 26.75
N PHE A 74 -5.56 9.79 26.90
CA PHE A 74 -4.37 8.94 27.12
C PHE A 74 -3.48 8.99 25.89
N THR A 75 -4.10 9.02 24.71
CA THR A 75 -3.36 9.02 23.43
C THR A 75 -2.62 10.33 23.25
N TRP A 76 -3.27 11.42 23.63
CA TRP A 76 -2.59 12.73 23.64
C TRP A 76 -1.38 12.76 24.57
N GLU A 77 -1.52 12.15 25.74
CA GLU A 77 -0.40 12.09 26.67
C GLU A 77 0.79 11.36 26.05
N MET A 78 0.52 10.26 25.35
CA MET A 78 1.59 9.54 24.67
C MET A 78 2.22 10.36 23.54
N ALA A 79 1.39 11.04 22.76
CA ALA A 79 1.88 11.82 21.64
C ALA A 79 2.75 12.97 22.12
N ASP A 80 2.30 13.65 23.16
CA ASP A 80 3.06 14.73 23.78
C ASP A 80 4.43 14.24 24.27
N PHE A 81 4.48 13.05 24.88
CA PHE A 81 5.75 12.52 25.36
C PHE A 81 6.73 12.34 24.19
N LEU A 82 6.27 11.74 23.10
CA LEU A 82 7.17 11.47 21.98
C LEU A 82 7.49 12.72 21.20
N LEU A 83 6.57 13.67 21.13
CA LEU A 83 6.89 14.91 20.39
C LEU A 83 8.12 15.58 20.96
N LYS A 84 8.29 15.50 22.27
CA LYS A 84 9.40 16.13 22.96
C LYS A 84 10.71 15.45 22.62
N LYS A 85 10.62 14.28 21.99
CA LYS A 85 11.81 13.55 21.53
C LYS A 85 12.15 13.82 20.04
N ARG A 86 11.50 14.80 19.46
CA ARG A 86 11.88 15.36 18.14
C ARG A 86 11.64 14.39 17.00
N ILE A 87 10.66 13.53 17.17
CA ILE A 87 10.28 12.61 16.10
C ILE A 87 9.82 13.36 14.86
N LYS A 88 10.13 12.79 13.69
CA LYS A 88 9.76 13.40 12.41
C LYS A 88 8.39 12.96 11.92
N MET A 89 7.82 11.94 12.55
CA MET A 89 6.54 11.36 12.15
C MET A 89 6.04 10.58 13.32
N LEU A 90 4.72 10.59 13.52
CA LEU A 90 4.06 9.81 14.57
C LEU A 90 3.14 8.79 13.97
N VAL A 91 3.28 7.54 14.40
CA VAL A 91 2.37 6.46 14.02
C VAL A 91 1.56 6.07 15.25
N ILE A 92 0.24 6.15 15.15
CA ILE A 92 -0.62 5.65 16.17
C ILE A 92 -0.81 4.17 15.81
N ALA A 93 -0.05 3.32 16.47
CA ALA A 93 -0.01 1.87 16.17
C ALA A 93 -1.27 1.13 16.64
N CYS A 94 -1.98 1.72 17.59
CA CYS A 94 -3.16 1.15 18.24
C CYS A 94 -4.40 1.46 17.40
N ASN A 95 -5.15 0.42 17.03
CA ASN A 95 -6.38 0.62 16.26
C ASN A 95 -7.43 1.35 17.07
N THR A 96 -7.48 1.08 18.38
CA THR A 96 -8.47 1.68 19.24
C THR A 96 -8.19 3.18 19.39
N ALA A 97 -6.93 3.52 19.65
CA ALA A 97 -6.51 4.93 19.75
C ALA A 97 -6.71 5.64 18.40
N THR A 98 -6.33 5.00 17.30
CA THR A 98 -6.56 5.61 15.97
C THR A 98 -8.04 5.94 15.76
N ALA A 99 -8.90 5.02 16.14
CA ALA A 99 -10.33 5.13 15.89
C ALA A 99 -10.92 6.38 16.44
N VAL A 100 -10.45 6.82 17.61
CA VAL A 100 -11.04 8.02 18.22
C VAL A 100 -10.14 9.24 18.26
N ALA A 101 -8.83 9.07 18.16
CA ALA A 101 -7.88 10.18 18.40
C ALA A 101 -7.14 10.70 17.17
N LEU A 102 -7.12 9.94 16.09
CA LEU A 102 -6.24 10.27 14.98
C LEU A 102 -6.57 11.64 14.39
N GLU A 103 -7.85 11.91 14.13
CA GLU A 103 -8.21 13.14 13.40
C GLU A 103 -7.69 14.35 14.16
N GLU A 104 -7.92 14.36 15.46
CA GLU A 104 -7.62 15.48 16.30
C GLU A 104 -6.13 15.69 16.43
N ILE A 105 -5.39 14.60 16.63
CA ILE A 105 -3.96 14.70 16.80
C ILE A 105 -3.30 15.13 15.49
N LYS A 106 -3.74 14.52 14.40
CA LYS A 106 -3.20 14.83 13.09
C LYS A 106 -3.36 16.30 12.80
N ALA A 107 -4.55 16.81 13.08
CA ALA A 107 -4.88 18.21 12.77
C ALA A 107 -4.04 19.19 13.58
N ALA A 108 -3.62 18.77 14.75
CA ALA A 108 -2.98 19.64 15.76
C ALA A 108 -1.45 19.69 15.64
N LEU A 109 -0.86 18.68 15.02
CA LEU A 109 0.60 18.58 14.94
C LEU A 109 1.15 18.99 13.59
N PRO A 110 2.36 19.60 13.58
CA PRO A 110 3.06 20.00 12.37
C PRO A 110 3.81 18.88 11.64
N ILE A 111 3.96 17.73 12.30
CA ILE A 111 4.63 16.59 11.70
C ILE A 111 3.57 15.63 11.14
N PRO A 112 3.97 14.81 10.16
CA PRO A 112 3.11 13.73 9.66
C PRO A 112 2.59 12.86 10.80
N VAL A 113 1.29 12.58 10.78
CA VAL A 113 0.68 11.64 11.72
C VAL A 113 -0.14 10.61 10.91
N VAL A 114 0.16 9.33 11.13
CA VAL A 114 -0.53 8.25 10.47
C VAL A 114 -1.12 7.30 11.50
N GLY A 115 -2.33 6.81 11.26
CA GLY A 115 -2.87 5.71 12.07
C GLY A 115 -3.01 4.43 11.26
N VAL A 116 -3.47 3.39 11.94
CA VAL A 116 -3.47 2.02 11.42
C VAL A 116 -4.78 1.60 10.78
N ILE A 117 -5.76 2.48 10.72
CA ILE A 117 -7.07 2.11 10.16
C ILE A 117 -7.15 2.37 8.66
N LEU A 118 -6.84 3.59 8.24
CA LEU A 118 -6.95 3.94 6.81
C LEU A 118 -6.13 3.02 5.90
N PRO A 119 -4.86 2.74 6.25
CA PRO A 119 -4.10 1.86 5.36
C PRO A 119 -4.70 0.45 5.18
N GLY A 120 -5.29 -0.07 6.25
CA GLY A 120 -5.96 -1.38 6.16
C GLY A 120 -7.22 -1.31 5.32
N ALA A 121 -7.97 -0.24 5.52
CA ALA A 121 -9.18 0.00 4.71
C ALA A 121 -8.84 0.04 3.22
N ARG A 122 -7.78 0.78 2.88
CA ARG A 122 -7.43 0.93 1.47
C ARG A 122 -6.88 -0.34 0.87
N ALA A 123 -6.08 -1.06 1.63
CA ALA A 123 -5.65 -2.38 1.18
C ALA A 123 -6.82 -3.30 0.92
N ALA A 124 -7.82 -3.27 1.80
CA ALA A 124 -9.02 -4.10 1.62
C ALA A 124 -9.77 -3.74 0.34
N VAL A 125 -9.93 -2.46 0.05
CA VAL A 125 -10.57 -2.02 -1.20
C VAL A 125 -9.77 -2.52 -2.42
N LYS A 126 -8.45 -2.50 -2.32
CA LYS A 126 -7.57 -2.99 -3.37
C LYS A 126 -7.71 -4.49 -3.60
N VAL A 127 -7.78 -5.27 -2.52
CA VAL A 127 -7.74 -6.74 -2.64
C VAL A 127 -9.11 -7.43 -2.85
N THR A 128 -10.19 -6.79 -2.43
CA THR A 128 -11.51 -7.39 -2.59
C THR A 128 -11.80 -7.59 -4.06
N LYS A 129 -12.47 -8.69 -4.38
CA LYS A 129 -12.98 -8.88 -5.74
C LYS A 129 -14.49 -8.78 -5.78
N ASN A 130 -15.16 -9.19 -4.71
CA ASN A 130 -16.62 -9.18 -4.64
C ASN A 130 -17.21 -7.99 -3.90
N ASN A 131 -16.36 -7.08 -3.41
CA ASN A 131 -16.79 -5.86 -2.74
C ASN A 131 -17.58 -6.12 -1.47
N LYS A 132 -17.19 -7.18 -0.76
CA LYS A 132 -17.74 -7.55 0.53
C LYS A 132 -16.55 -7.70 1.49
N ILE A 133 -16.40 -6.71 2.36
CA ILE A 133 -15.25 -6.59 3.27
C ILE A 133 -15.72 -6.61 4.69
N GLY A 134 -15.01 -7.32 5.55
CA GLY A 134 -15.26 -7.26 6.98
C GLY A 134 -14.07 -6.69 7.72
N VAL A 135 -14.33 -6.24 8.96
CA VAL A 135 -13.27 -5.83 9.89
C VAL A 135 -13.65 -6.33 11.25
N ILE A 136 -12.64 -6.79 11.99
CA ILE A 136 -12.78 -7.20 13.39
C ILE A 136 -11.85 -6.33 14.23
N GLY A 137 -12.26 -6.04 15.46
CA GLY A 137 -11.41 -5.23 16.35
C GLY A 137 -12.04 -5.12 17.73
N THR A 138 -11.47 -4.25 18.56
CA THR A 138 -12.02 -4.02 19.87
C THR A 138 -13.41 -3.37 19.80
N LEU A 139 -14.09 -3.40 20.94
CA LEU A 139 -15.37 -2.69 21.08
C LEU A 139 -15.24 -1.23 20.64
N GLY A 140 -14.22 -0.53 21.14
CA GLY A 140 -14.04 0.87 20.81
C GLY A 140 -13.80 1.10 19.34
N THR A 141 -12.91 0.31 18.75
CA THR A 141 -12.67 0.43 17.30
C THR A 141 -13.94 0.28 16.49
N ILE A 142 -14.73 -0.74 16.80
CA ILE A 142 -15.87 -1.07 15.97
C ILE A 142 -16.97 -0.04 16.21
N LYS A 143 -17.17 0.33 17.46
CA LYS A 143 -18.23 1.32 17.80
C LYS A 143 -17.99 2.70 17.18
N SER A 144 -16.74 3.05 16.92
CA SER A 144 -16.38 4.34 16.32
C SER A 144 -16.87 4.46 14.88
N ALA A 145 -17.10 3.33 14.22
CA ALA A 145 -17.42 3.23 12.78
C ALA A 145 -16.33 3.77 11.87
N SER A 146 -15.13 3.95 12.41
CA SER A 146 -14.03 4.45 11.61
C SER A 146 -13.74 3.65 10.34
N TYR A 147 -13.81 2.32 10.42
CA TYR A 147 -13.55 1.50 9.23
C TYR A 147 -14.59 1.72 8.18
N GLU A 148 -15.85 1.73 8.58
CA GLU A 148 -16.93 1.88 7.60
C GLU A 148 -16.74 3.22 6.86
N ILE A 149 -16.41 4.24 7.64
CA ILE A 149 -16.13 5.57 7.11
C ILE A 149 -14.92 5.59 6.18
N ALA A 150 -13.81 4.98 6.59
CA ALA A 150 -12.60 4.97 5.77
C ALA A 150 -12.76 4.23 4.44
N ILE A 151 -13.56 3.17 4.46
CA ILE A 151 -13.79 2.37 3.25
C ILE A 151 -14.76 3.09 2.32
N LYS A 152 -15.89 3.48 2.87
CA LYS A 152 -16.96 4.06 2.05
C LYS A 152 -16.71 5.50 1.60
N SER A 153 -15.71 6.17 2.17
CA SER A 153 -15.37 7.50 1.69
C SER A 153 -14.83 7.41 0.29
N LYS A 154 -14.18 6.29 -0.02
CA LYS A 154 -13.61 6.09 -1.33
C LYS A 154 -14.44 5.22 -2.21
N ALA A 155 -15.08 4.21 -1.61
CA ALA A 155 -15.83 3.25 -2.40
C ALA A 155 -17.17 2.99 -1.72
N PRO A 156 -18.12 3.94 -1.89
CA PRO A 156 -19.35 3.91 -1.08
C PRO A 156 -20.27 2.72 -1.30
N ALA A 157 -20.09 2.00 -2.41
CA ALA A 157 -20.93 0.82 -2.71
C ALA A 157 -20.41 -0.49 -2.14
N ILE A 158 -19.22 -0.47 -1.55
CA ILE A 158 -18.71 -1.70 -0.92
C ILE A 158 -19.52 -2.02 0.34
N GLU A 159 -19.80 -3.31 0.54
CA GLU A 159 -20.50 -3.75 1.72
C GLU A 159 -19.48 -3.99 2.81
N VAL A 160 -19.67 -3.34 3.95
CA VAL A 160 -18.74 -3.45 5.07
C VAL A 160 -19.46 -4.06 6.26
N THR A 161 -18.88 -5.09 6.84
CA THR A 161 -19.37 -5.71 8.06
C THR A 161 -18.32 -5.50 9.14
N SER A 162 -18.73 -4.98 10.28
CA SER A 162 -17.81 -4.63 11.37
C SER A 162 -18.26 -5.38 12.64
N LEU A 163 -17.31 -6.08 13.26
CA LEU A 163 -17.62 -7.03 14.34
C LEU A 163 -16.60 -6.89 15.43
N ALA A 164 -17.09 -6.52 16.62
CA ALA A 164 -16.22 -6.46 17.81
C ALA A 164 -15.93 -7.87 18.30
N CYS A 165 -14.65 -8.15 18.61
CA CYS A 165 -14.18 -9.43 19.08
C CYS A 165 -13.46 -9.29 20.44
N PRO A 166 -14.17 -8.84 21.48
CA PRO A 166 -13.53 -8.49 22.75
C PRO A 166 -12.68 -9.58 23.40
N LYS A 167 -13.01 -10.85 23.16
CA LYS A 167 -12.25 -11.96 23.74
C LYS A 167 -10.89 -12.21 23.13
N PHE A 168 -10.62 -11.64 21.96
CA PHE A 168 -9.42 -12.00 21.22
C PHE A 168 -8.17 -11.46 21.89
N VAL A 169 -8.17 -10.22 22.35
CA VAL A 169 -7.00 -9.64 23.00
C VAL A 169 -6.55 -10.49 24.21
N PRO A 170 -7.48 -10.80 25.11
CA PRO A 170 -7.08 -11.70 26.21
C PRO A 170 -6.53 -13.09 25.83
N ILE A 171 -6.97 -13.68 24.72
CA ILE A 171 -6.42 -14.95 24.23
C ILE A 171 -4.93 -14.80 23.94
N VAL A 172 -4.57 -13.70 23.30
CA VAL A 172 -3.16 -13.44 22.99
C VAL A 172 -2.37 -13.17 24.27
N GLU A 173 -2.95 -12.34 25.14
CA GLU A 173 -2.26 -11.94 26.40
C GLU A 173 -1.95 -13.10 27.31
N SER A 174 -2.84 -14.08 27.31
CA SER A 174 -2.68 -15.26 28.13
C SER A 174 -1.81 -16.33 27.47
N ASN A 175 -1.18 -16.03 26.33
CA ASN A 175 -0.32 -16.97 25.63
C ASN A 175 -1.06 -18.21 25.12
N GLN A 176 -2.35 -18.06 24.80
CA GLN A 176 -3.16 -19.18 24.37
C GLN A 176 -3.54 -19.07 22.90
N TYR A 177 -2.79 -18.28 22.15
CA TYR A 177 -3.23 -17.93 20.80
C TYR A 177 -3.07 -19.03 19.76
N ARG A 178 -2.40 -20.13 20.14
CA ARG A 178 -2.28 -21.31 19.29
C ARG A 178 -3.10 -22.49 19.82
N SER A 179 -3.85 -22.28 20.90
CA SER A 179 -4.50 -23.37 21.61
C SER A 179 -5.84 -23.76 21.01
N SER A 180 -6.35 -24.92 21.45
CA SER A 180 -7.70 -25.37 21.15
C SER A 180 -8.75 -24.37 21.63
N VAL A 181 -8.49 -23.76 22.77
CA VAL A 181 -9.37 -22.73 23.33
C VAL A 181 -9.47 -21.53 22.37
N ALA A 182 -8.31 -21.10 21.84
CA ALA A 182 -8.27 -20.00 20.87
C ALA A 182 -9.16 -20.32 19.68
N LYS A 183 -9.01 -21.53 19.15
CA LYS A 183 -9.75 -21.95 17.97
C LYS A 183 -11.25 -21.93 18.25
N LYS A 184 -11.65 -22.43 19.41
CA LYS A 184 -13.08 -22.44 19.76
C LYS A 184 -13.64 -21.03 19.92
N ILE A 185 -12.92 -20.15 20.61
CA ILE A 185 -13.38 -18.78 20.82
C ILE A 185 -13.47 -18.03 19.51
N VAL A 186 -12.44 -18.14 18.68
CA VAL A 186 -12.47 -17.45 17.38
C VAL A 186 -13.64 -17.92 16.52
N ALA A 187 -13.83 -19.23 16.43
CA ALA A 187 -14.96 -19.78 15.65
C ALA A 187 -16.32 -19.33 16.17
N GLU A 188 -16.44 -19.29 17.50
CA GLU A 188 -17.70 -18.91 18.12
C GLU A 188 -18.06 -17.46 17.81
N THR A 189 -17.05 -16.60 17.77
CA THR A 189 -17.25 -15.18 17.52
C THR A 189 -17.48 -14.93 16.03
N LEU A 190 -16.67 -15.54 15.19
CA LEU A 190 -16.67 -15.19 13.76
C LEU A 190 -17.86 -15.72 12.98
N GLN A 191 -18.63 -16.64 13.57
CA GLN A 191 -19.87 -17.09 12.94
C GLN A 191 -20.83 -15.91 12.70
N ALA A 192 -20.66 -14.81 13.42
CA ALA A 192 -21.45 -13.57 13.19
C ALA A 192 -21.17 -12.92 11.81
N LEU A 193 -20.09 -13.35 11.16
CA LEU A 193 -19.73 -12.89 9.81
C LEU A 193 -20.24 -13.77 8.69
N GLN A 194 -20.70 -14.99 9.01
CA GLN A 194 -20.76 -16.02 7.98
C GLN A 194 -21.83 -15.83 6.90
N LEU A 195 -22.82 -14.99 7.15
CA LEU A 195 -23.87 -14.75 6.16
C LEU A 195 -23.55 -13.61 5.20
N LYS A 196 -22.37 -13.01 5.33
CA LYS A 196 -22.06 -11.77 4.59
C LYS A 196 -21.21 -11.97 3.32
N GLY A 197 -20.85 -13.21 2.99
CA GLY A 197 -20.20 -13.52 1.71
C GLY A 197 -18.84 -12.82 1.56
N LEU A 198 -18.17 -12.57 2.67
CA LEU A 198 -16.90 -11.82 2.63
C LEU A 198 -15.80 -12.47 1.84
N ASP A 199 -15.01 -11.67 1.13
CA ASP A 199 -13.76 -12.22 0.57
C ASP A 199 -12.52 -11.64 1.23
N THR A 200 -12.72 -10.66 2.10
CA THR A 200 -11.60 -9.91 2.70
C THR A 200 -11.95 -9.61 4.15
N LEU A 201 -11.00 -9.74 5.08
CA LEU A 201 -11.24 -9.44 6.49
C LEU A 201 -10.04 -8.69 7.04
N ILE A 202 -10.28 -7.49 7.52
CA ILE A 202 -9.23 -6.64 8.09
C ILE A 202 -9.02 -7.04 9.56
N LEU A 203 -7.75 -7.29 9.94
CA LEU A 203 -7.38 -7.61 11.29
C LEU A 203 -7.17 -6.26 11.99
N GLY A 204 -8.29 -5.68 12.45
CA GLY A 204 -8.29 -4.33 12.95
C GLY A 204 -7.87 -4.11 14.41
N CYS A 205 -6.78 -4.75 14.83
CA CYS A 205 -6.31 -4.72 16.20
C CYS A 205 -4.87 -5.18 16.21
N THR A 206 -4.03 -4.53 16.99
CA THR A 206 -2.60 -4.85 17.08
C THR A 206 -2.32 -6.31 17.39
N HIS A 207 -3.18 -6.93 18.17
CA HIS A 207 -2.91 -8.28 18.68
C HIS A 207 -3.27 -9.38 17.67
N TYR A 208 -4.10 -9.05 16.68
CA TYR A 208 -4.64 -10.10 15.84
C TYR A 208 -3.65 -10.82 14.90
N PRO A 209 -2.52 -10.16 14.49
CA PRO A 209 -1.54 -10.96 13.76
C PRO A 209 -1.10 -12.24 14.48
N LEU A 210 -1.11 -12.26 15.81
CA LEU A 210 -0.72 -13.48 16.54
C LEU A 210 -1.77 -14.58 16.39
N LEU A 211 -3.01 -14.16 16.09
CA LEU A 211 -4.12 -15.07 15.89
C LEU A 211 -4.33 -15.40 14.40
N ARG A 212 -3.47 -14.88 13.53
CA ARG A 212 -3.75 -14.96 12.09
C ARG A 212 -4.04 -16.39 11.61
N PRO A 213 -3.20 -17.37 11.96
CA PRO A 213 -3.46 -18.73 11.46
C PRO A 213 -4.80 -19.32 11.93
N VAL A 214 -5.20 -19.00 13.15
CA VAL A 214 -6.49 -19.44 13.68
C VAL A 214 -7.64 -18.78 12.93
N ILE A 215 -7.53 -17.46 12.71
CA ILE A 215 -8.58 -16.71 12.01
C ILE A 215 -8.66 -17.20 10.58
N GLN A 216 -7.52 -17.43 9.95
CA GLN A 216 -7.50 -17.91 8.57
C GLN A 216 -8.19 -19.27 8.44
N ASN A 217 -7.93 -20.18 9.39
CA ASN A 217 -8.55 -21.49 9.37
C ASN A 217 -10.05 -21.38 9.50
N VAL A 218 -10.53 -20.50 10.37
CA VAL A 218 -11.98 -20.30 10.54
C VAL A 218 -12.60 -19.70 9.28
N MET A 219 -11.96 -18.67 8.71
CA MET A 219 -12.53 -17.97 7.57
C MET A 219 -12.38 -18.73 6.27
N GLY A 220 -11.42 -19.66 6.23
CA GLY A 220 -11.14 -20.42 5.03
C GLY A 220 -10.20 -19.78 4.04
N SER A 221 -9.91 -20.55 3.01
CA SER A 221 -8.88 -20.20 2.05
C SER A 221 -9.27 -19.12 1.07
N HIS A 222 -10.57 -18.85 0.92
CA HIS A 222 -11.03 -17.84 -0.04
C HIS A 222 -11.04 -16.41 0.52
N VAL A 223 -10.73 -16.27 1.80
CA VAL A 223 -10.76 -14.96 2.45
C VAL A 223 -9.34 -14.47 2.63
N THR A 224 -9.08 -13.28 2.12
CA THR A 224 -7.78 -12.64 2.32
C THR A 224 -7.81 -11.76 3.57
N LEU A 225 -6.83 -11.95 4.44
CA LEU A 225 -6.72 -11.20 5.67
C LEU A 225 -5.74 -10.03 5.48
N ILE A 226 -6.11 -8.89 6.07
CA ILE A 226 -5.32 -7.69 5.98
C ILE A 226 -4.71 -7.36 7.34
N ASP A 227 -3.37 -7.22 7.36
CA ASP A 227 -2.59 -6.94 8.59
C ASP A 227 -2.42 -5.42 8.70
N SER A 228 -3.02 -4.82 9.74
CA SER A 228 -3.02 -3.35 9.88
C SER A 228 -1.62 -2.77 9.91
N GLY A 229 -0.74 -3.36 10.71
CA GLY A 229 0.63 -2.86 10.80
C GLY A 229 1.38 -2.99 9.49
N ALA A 230 1.24 -4.12 8.82
CA ALA A 230 1.95 -4.33 7.56
C ALA A 230 1.58 -3.24 6.56
N GLU A 231 0.28 -2.98 6.42
CA GLU A 231 -0.17 -1.96 5.48
C GLU A 231 0.20 -0.54 5.90
N THR A 232 0.15 -0.27 7.21
CA THR A 232 0.44 1.07 7.71
C THR A 232 1.94 1.39 7.53
N VAL A 233 2.79 0.41 7.81
CA VAL A 233 4.21 0.59 7.59
C VAL A 233 4.51 0.81 6.08
N GLY A 234 3.80 0.13 5.21
CA GLY A 234 3.91 0.41 3.78
C GLY A 234 3.54 1.85 3.47
N GLU A 235 2.50 2.38 4.10
CA GLU A 235 2.10 3.79 3.87
C GLU A 235 3.15 4.77 4.39
N VAL A 236 3.72 4.46 5.55
CA VAL A 236 4.82 5.25 6.11
C VAL A 236 5.97 5.29 5.14
N SER A 237 6.30 4.13 4.58
CA SER A 237 7.40 4.06 3.62
C SER A 237 7.12 4.96 2.41
N MET A 238 5.88 4.94 1.94
CA MET A 238 5.46 5.76 0.82
C MET A 238 5.62 7.24 1.14
N LEU A 239 5.18 7.65 2.33
CA LEU A 239 5.24 9.06 2.74
C LEU A 239 6.68 9.53 2.92
N LEU A 240 7.50 8.69 3.52
CA LEU A 240 8.91 9.06 3.69
C LEU A 240 9.57 9.31 2.34
N ASP A 241 9.34 8.39 1.39
CA ASP A 241 9.93 8.50 0.06
C ASP A 241 9.35 9.72 -0.67
N TYR A 242 8.03 9.89 -0.62
CA TYR A 242 7.39 10.99 -1.37
C TYR A 242 7.96 12.33 -1.02
N PHE A 243 8.20 12.55 0.26
CA PHE A 243 8.71 13.81 0.76
C PHE A 243 10.21 13.86 1.00
N ASP A 244 10.90 12.79 0.61
CA ASP A 244 12.34 12.67 0.68
C ASP A 244 12.82 12.94 2.08
N ILE A 245 12.20 12.26 3.05
CA ILE A 245 12.61 12.40 4.46
C ILE A 245 12.94 11.03 5.10
N ALA A 246 13.30 10.05 4.28
CA ALA A 246 13.77 8.78 4.79
C ALA A 246 15.13 8.98 5.46
N HIS A 247 15.39 8.17 6.46
CA HIS A 247 16.70 8.13 7.10
C HIS A 247 17.74 7.73 6.06
N THR A 248 18.91 8.34 6.07
CA THR A 248 19.94 7.93 5.11
C THR A 248 20.37 6.52 5.48
N PRO A 249 20.67 5.67 4.49
CA PRO A 249 21.22 4.35 4.82
C PRO A 249 22.54 4.41 5.60
N PRO A 255 20.50 3.68 18.89
CA PRO A 255 19.58 2.53 19.04
C PRO A 255 18.12 2.93 19.03
N HIS A 256 17.25 1.97 18.75
CA HIS A 256 15.82 2.18 18.93
C HIS A 256 15.57 2.34 20.43
N GLU A 257 14.51 3.06 20.76
CA GLU A 257 14.14 3.33 22.15
C GLU A 257 12.76 2.79 22.45
N PHE A 258 12.59 2.25 23.66
CA PHE A 258 11.35 1.63 24.07
C PHE A 258 10.93 2.17 25.44
N TYR A 259 9.74 2.69 25.52
CA TYR A 259 9.18 3.30 26.73
C TYR A 259 7.88 2.63 27.06
N THR A 260 7.59 2.53 28.36
CA THR A 260 6.38 1.91 28.81
C THR A 260 5.93 2.59 30.10
N THR A 261 4.63 2.61 30.35
CA THR A 261 4.11 3.10 31.65
C THR A 261 4.04 1.98 32.70
N GLY A 262 4.34 0.75 32.30
CA GLY A 262 4.44 -0.37 33.24
C GLY A 262 5.87 -0.78 33.44
N SER A 263 6.07 -2.02 33.89
CA SER A 263 7.40 -2.56 34.20
C SER A 263 8.30 -2.66 32.97
N ALA A 264 9.50 -2.11 33.06
CA ALA A 264 10.48 -2.24 31.98
C ALA A 264 10.83 -3.72 31.74
N LYS A 265 11.11 -4.45 32.81
CA LYS A 265 11.38 -5.88 32.65
C LYS A 265 10.28 -6.67 31.97
N MET A 266 9.02 -6.44 32.34
CA MET A 266 7.93 -7.25 31.77
C MET A 266 7.79 -6.89 30.28
N PHE A 267 7.99 -5.62 29.95
CA PHE A 267 8.03 -5.19 28.55
C PHE A 267 9.16 -5.89 27.79
N GLU A 268 10.36 -5.88 28.37
CA GLU A 268 11.53 -6.48 27.74
C GLU A 268 11.31 -7.95 27.45
N GLU A 269 10.66 -8.66 28.36
CA GLU A 269 10.52 -10.09 28.15
C GLU A 269 9.69 -10.45 26.92
N ILE A 270 8.65 -9.67 26.68
CA ILE A 270 7.83 -9.84 25.49
C ILE A 270 8.58 -9.31 24.27
N ALA A 271 9.15 -8.11 24.38
CA ALA A 271 9.74 -7.42 23.22
C ALA A 271 11.04 -8.03 22.68
N SER A 272 11.99 -8.37 23.56
CA SER A 272 13.34 -8.72 23.10
C SER A 272 13.30 -9.92 22.17
N SER A 273 12.46 -10.88 22.53
CA SER A 273 12.32 -12.10 21.80
C SER A 273 11.43 -11.91 20.58
N TRP A 274 10.30 -11.23 20.77
CA TRP A 274 9.35 -10.98 19.67
C TRP A 274 10.07 -10.31 18.51
N LEU A 275 10.94 -9.36 18.82
CA LEU A 275 11.67 -8.53 17.86
C LEU A 275 13.09 -9.00 17.48
N GLY A 276 13.69 -9.89 18.27
CA GLY A 276 15.05 -10.37 17.98
C GLY A 276 16.10 -9.31 18.20
N ILE A 277 15.92 -8.53 19.26
CA ILE A 277 16.92 -7.54 19.69
C ILE A 277 17.38 -7.98 21.07
N GLU A 278 18.58 -8.57 21.12
CA GLU A 278 19.03 -9.25 22.36
C GLU A 278 19.21 -8.35 23.56
N ASN A 279 19.89 -7.22 23.37
CA ASN A 279 20.11 -6.33 24.51
C ASN A 279 19.11 -5.17 24.53
N LEU A 280 17.87 -5.47 24.12
CA LEU A 280 16.76 -4.50 24.19
C LEU A 280 16.50 -4.08 25.63
N LYS A 281 16.56 -2.78 25.89
CA LYS A 281 16.29 -2.24 27.21
C LYS A 281 15.13 -1.27 27.04
N ALA A 282 14.17 -1.36 27.94
CA ALA A 282 13.04 -0.45 27.99
C ALA A 282 13.17 0.46 29.21
N GLN A 283 12.44 1.58 29.16
CA GLN A 283 12.41 2.58 30.23
C GLN A 283 11.00 2.84 30.69
N GLN A 284 10.76 2.74 32.00
CA GLN A 284 9.45 3.06 32.53
C GLN A 284 9.35 4.57 32.71
N ILE A 285 8.23 5.13 32.25
CA ILE A 285 7.94 6.56 32.40
C ILE A 285 6.56 6.75 32.98
N HIS A 286 6.29 7.99 33.41
CA HIS A 286 5.00 8.32 33.98
C HIS A 286 4.33 9.33 33.08
N LEU A 287 3.05 9.11 32.78
CA LEU A 287 2.27 10.03 31.94
C LEU A 287 1.16 10.79 32.66
N GLY A 288 0.45 10.14 33.58
CA GLY A 288 -0.73 10.79 34.18
C GLY A 288 -0.51 12.22 34.70
N GLY A 289 -1.49 12.89 35.08
N ASN B 23 -11.49 18.49 -3.96
CA ASN B 23 -10.99 18.97 -5.29
C ASN B 23 -11.67 18.14 -6.37
N GLN B 24 -12.45 18.81 -7.21
CA GLN B 24 -13.27 18.09 -8.18
C GLN B 24 -12.59 17.88 -9.53
N GLU B 25 -11.38 18.36 -9.68
CA GLU B 25 -10.63 18.20 -10.90
C GLU B 25 -10.23 16.74 -11.11
N ALA B 26 -9.87 16.39 -12.34
CA ALA B 26 -9.55 15.03 -12.69
C ALA B 26 -8.15 14.61 -12.25
N ILE B 27 -7.97 13.30 -12.07
CA ILE B 27 -6.65 12.68 -11.99
C ILE B 27 -6.27 12.35 -13.42
N GLY B 28 -5.06 12.73 -13.83
CA GLY B 28 -4.54 12.43 -15.15
C GLY B 28 -3.67 11.19 -15.12
N LEU B 29 -3.78 10.37 -16.15
CA LEU B 29 -2.91 9.19 -16.30
C LEU B 29 -2.29 9.25 -17.69
N ILE B 30 -0.98 9.01 -17.77
CA ILE B 30 -0.30 8.97 -19.06
C ILE B 30 0.39 7.63 -19.28
N ASP B 31 0.35 7.16 -20.52
CA ASP B 31 0.99 5.85 -20.86
C ASP B 31 1.44 5.90 -22.29
N SER B 32 2.30 4.96 -22.68
CA SER B 32 2.69 4.85 -24.08
C SER B 32 1.60 4.39 -25.04
N GLY B 33 0.46 3.95 -24.53
CA GLY B 33 -0.57 3.41 -25.40
C GLY B 33 -1.84 3.09 -24.67
N VAL B 34 -2.47 1.99 -25.08
CA VAL B 34 -3.71 1.51 -24.46
C VAL B 34 -3.42 0.58 -23.30
N GLY B 35 -2.22 0.01 -23.25
CA GLY B 35 -1.91 -0.95 -22.18
C GLY B 35 -2.09 -0.38 -20.78
N GLY B 36 -1.84 0.92 -20.62
CA GLY B 36 -1.95 1.60 -19.34
C GLY B 36 -3.38 1.65 -18.82
N LEU B 37 -4.34 1.24 -19.64
CA LEU B 37 -5.71 1.02 -19.13
C LEU B 37 -5.82 -0.08 -18.09
N THR B 38 -4.77 -0.89 -17.91
CA THR B 38 -4.77 -1.79 -16.77
C THR B 38 -4.74 -0.97 -15.47
N VAL B 39 -4.00 0.12 -15.46
CA VAL B 39 -3.89 1.01 -14.32
C VAL B 39 -5.20 1.77 -14.17
N LEU B 40 -5.73 2.32 -15.28
CA LEU B 40 -6.99 3.03 -15.19
C LEU B 40 -8.14 2.18 -14.69
N LYS B 41 -8.17 0.92 -15.10
CA LYS B 41 -9.23 0.01 -14.61
C LYS B 41 -9.17 -0.17 -13.09
N GLU B 42 -7.98 -0.23 -12.53
CA GLU B 42 -7.79 -0.27 -11.08
C GLU B 42 -8.34 1.03 -10.42
N ALA B 43 -8.18 2.18 -11.08
CA ALA B 43 -8.64 3.46 -10.56
C ALA B 43 -10.17 3.48 -10.59
N LEU B 44 -10.78 2.92 -11.63
CA LEU B 44 -12.27 2.84 -11.65
C LEU B 44 -12.81 2.02 -10.49
N LYS B 45 -12.07 0.98 -10.11
CA LYS B 45 -12.46 0.06 -9.05
C LYS B 45 -12.22 0.66 -7.69
N GLN B 46 -11.00 1.13 -7.43
CA GLN B 46 -10.59 1.57 -6.09
C GLN B 46 -10.96 3.02 -5.79
N LEU B 47 -11.15 3.82 -6.85
CA LEU B 47 -11.38 5.26 -6.72
C LEU B 47 -12.58 5.69 -7.56
N PRO B 48 -13.72 5.05 -7.32
CA PRO B 48 -14.86 5.30 -8.18
C PRO B 48 -15.41 6.72 -8.11
N ASN B 49 -15.05 7.50 -7.08
CA ASN B 49 -15.55 8.89 -6.96
C ASN B 49 -14.77 9.85 -7.85
N GLU B 50 -13.62 9.42 -8.36
CA GLU B 50 -12.71 10.31 -9.06
C GLU B 50 -12.94 10.37 -10.56
N ARG B 51 -12.79 11.56 -11.10
CA ARG B 51 -12.89 11.72 -12.53
C ARG B 51 -11.49 11.52 -13.10
N LEU B 52 -11.39 10.87 -14.25
CA LEU B 52 -10.10 10.50 -14.81
C LEU B 52 -9.93 11.09 -16.22
N ILE B 53 -8.70 11.45 -16.56
CA ILE B 53 -8.34 11.80 -17.94
C ILE B 53 -7.13 10.98 -18.29
N TYR B 54 -7.26 10.22 -19.37
CA TYR B 54 -6.22 9.26 -19.81
C TYR B 54 -5.65 9.70 -21.15
N LEU B 55 -4.31 9.66 -21.26
CA LEU B 55 -3.64 9.86 -22.55
C LEU B 55 -2.68 8.71 -22.81
N GLY B 56 -2.85 8.06 -23.96
CA GLY B 56 -1.96 7.01 -24.46
C GLY B 56 -1.29 7.40 -25.75
N ASP B 57 0.03 7.28 -25.82
CA ASP B 57 0.79 7.70 -26.99
C ASP B 57 0.93 6.59 -28.02
N THR B 58 -0.20 6.06 -28.48
CA THR B 58 -0.21 4.88 -29.33
C THR B 58 0.65 5.03 -30.57
N ALA B 59 0.74 6.24 -31.11
CA ALA B 59 1.50 6.43 -32.34
C ALA B 59 2.97 6.17 -32.17
N ARG B 60 3.46 6.25 -30.94
CA ARG B 60 4.90 6.03 -30.65
C ARG B 60 5.15 4.88 -29.70
N CYS B 61 4.09 4.13 -29.36
CA CYS B 61 4.24 2.84 -28.67
C CYS B 61 4.96 1.84 -29.60
N PRO B 62 5.92 1.03 -29.07
CA PRO B 62 6.39 0.91 -27.69
C PRO B 62 7.53 1.83 -27.27
N TYR B 63 7.55 2.15 -25.97
CA TYR B 63 8.63 2.86 -25.33
C TYR B 63 9.72 1.90 -24.87
N GLY B 64 9.36 0.63 -24.63
CA GLY B 64 10.26 -0.37 -24.04
C GLY B 64 11.68 -0.36 -24.58
N PRO B 65 11.82 -0.40 -25.91
CA PRO B 65 13.16 -0.42 -26.51
C PRO B 65 13.84 0.91 -26.81
N ARG B 66 13.18 2.02 -26.50
CA ARG B 66 13.67 3.35 -26.82
C ARG B 66 14.72 3.86 -25.84
N PRO B 67 15.59 4.77 -26.31
CA PRO B 67 16.55 5.37 -25.40
C PRO B 67 15.90 6.19 -24.31
N ALA B 68 16.51 6.21 -23.12
CA ALA B 68 16.00 7.03 -22.00
C ALA B 68 15.61 8.46 -22.39
N GLU B 69 16.48 9.10 -23.15
CA GLU B 69 16.34 10.52 -23.43
C GLU B 69 15.05 10.78 -24.24
N GLN B 70 14.78 9.88 -25.16
CA GLN B 70 13.60 9.97 -26.01
C GLN B 70 12.34 9.73 -25.21
N VAL B 71 12.37 8.72 -24.36
CA VAL B 71 11.20 8.47 -23.49
C VAL B 71 10.93 9.67 -22.56
N VAL B 72 11.96 10.31 -22.03
CA VAL B 72 11.75 11.48 -21.20
C VAL B 72 11.03 12.59 -21.96
N GLN B 73 11.49 12.85 -23.18
CA GLN B 73 10.90 13.88 -24.01
C GLN B 73 9.43 13.58 -24.26
N PHE B 74 9.13 12.34 -24.63
CA PHE B 74 7.73 11.94 -24.96
C PHE B 74 6.85 12.05 -23.74
N THR B 75 7.36 11.61 -22.60
CA THR B 75 6.62 11.66 -21.35
C THR B 75 6.32 13.10 -20.97
N TRP B 76 7.29 14.00 -21.17
CA TRP B 76 7.07 15.40 -20.90
C TRP B 76 5.95 15.96 -21.78
N GLU B 77 5.93 15.56 -23.05
CA GLU B 77 4.88 16.00 -23.96
C GLU B 77 3.51 15.58 -23.45
N MET B 78 3.41 14.34 -22.98
CA MET B 78 2.13 13.88 -22.41
C MET B 78 1.75 14.65 -21.17
N ALA B 79 2.72 14.85 -20.26
CA ALA B 79 2.42 15.53 -19.00
C ALA B 79 1.94 16.93 -19.27
N ASP B 80 2.63 17.61 -20.19
CA ASP B 80 2.28 18.99 -20.52
C ASP B 80 0.88 19.08 -21.12
N PHE B 81 0.53 18.12 -21.96
CA PHE B 81 -0.84 18.07 -22.52
C PHE B 81 -1.92 17.92 -21.45
N LEU B 82 -1.73 17.04 -20.48
CA LEU B 82 -2.77 16.90 -19.45
C LEU B 82 -2.76 18.04 -18.45
N LEU B 83 -1.59 18.66 -18.24
CA LEU B 83 -1.51 19.82 -17.35
C LEU B 83 -2.43 20.92 -17.76
N LYS B 84 -2.54 21.12 -19.08
CA LYS B 84 -3.43 22.14 -19.64
C LYS B 84 -4.90 21.84 -19.37
N LYS B 85 -5.21 20.58 -19.00
CA LYS B 85 -6.57 20.17 -18.70
C LYS B 85 -6.91 20.25 -17.20
N ARG B 86 -6.07 20.92 -16.41
CA ARG B 86 -6.35 21.29 -15.02
C ARG B 86 -6.43 20.09 -14.07
N ILE B 87 -5.72 19.03 -14.43
CA ILE B 87 -5.64 17.88 -13.54
C ILE B 87 -5.01 18.26 -12.19
N LYS B 88 -5.44 17.57 -11.13
CA LYS B 88 -4.98 17.83 -9.75
C LYS B 88 -3.85 16.92 -9.33
N MET B 89 -3.58 15.90 -10.15
CA MET B 89 -2.58 14.89 -9.83
C MET B 89 -2.27 14.15 -11.13
N LEU B 90 -1.00 13.75 -11.30
CA LEU B 90 -0.57 13.01 -12.48
C LEU B 90 -0.02 11.67 -12.08
N VAL B 91 -0.53 10.62 -12.73
CA VAL B 91 -0.04 9.26 -12.57
C VAL B 91 0.64 8.88 -13.85
N ILE B 92 1.93 8.55 -13.76
CA ILE B 92 2.63 8.00 -14.89
C ILE B 92 2.42 6.48 -14.87
N ALA B 93 1.47 6.02 -15.68
CA ALA B 93 0.98 4.65 -15.65
C ALA B 93 1.94 3.65 -16.27
N CYS B 94 2.81 4.19 -17.12
CA CYS B 94 3.80 3.43 -17.85
C CYS B 94 5.03 3.20 -17.00
N ASN B 95 5.43 1.92 -16.85
CA ASN B 95 6.62 1.61 -16.06
C ASN B 95 7.88 2.10 -16.76
N THR B 96 7.87 2.03 -18.08
CA THR B 96 9.09 2.40 -18.89
C THR B 96 9.34 3.90 -18.80
N ALA B 97 8.28 4.68 -18.89
CA ALA B 97 8.31 6.11 -18.70
C ALA B 97 8.66 6.52 -17.27
N THR B 98 8.07 5.83 -16.30
CA THR B 98 8.34 6.10 -14.89
C THR B 98 9.84 5.95 -14.63
N ALA B 99 10.41 4.92 -15.23
CA ALA B 99 11.81 4.52 -14.98
C ALA B 99 12.77 5.64 -15.25
N VAL B 100 12.46 6.50 -16.18
CA VAL B 100 13.38 7.57 -16.59
C VAL B 100 12.90 9.00 -16.35
N ALA B 101 11.58 9.21 -16.31
CA ALA B 101 11.00 10.55 -16.31
C ALA B 101 10.38 11.02 -14.99
N LEU B 102 10.08 10.11 -14.05
CA LEU B 102 9.36 10.51 -12.87
C LEU B 102 10.04 11.62 -12.07
N GLU B 103 11.31 11.46 -11.75
CA GLU B 103 11.93 12.41 -10.82
C GLU B 103 11.86 13.84 -11.35
N GLU B 104 12.17 14.01 -12.63
CA GLU B 104 12.23 15.34 -13.19
C GLU B 104 10.83 15.95 -13.39
N ILE B 105 9.84 15.14 -13.73
CA ILE B 105 8.49 15.67 -13.85
C ILE B 105 7.92 16.01 -12.47
N LYS B 106 8.13 15.14 -11.49
CA LYS B 106 7.65 15.38 -10.14
C LYS B 106 8.25 16.71 -9.59
N ALA B 107 9.55 16.92 -9.82
CA ALA B 107 10.28 18.08 -9.29
C ALA B 107 9.77 19.40 -9.88
N ALA B 108 9.35 19.33 -11.15
CA ALA B 108 8.94 20.51 -11.91
C ALA B 108 7.47 20.90 -11.76
N LEU B 109 6.58 19.93 -11.60
CA LEU B 109 5.15 20.22 -11.65
C LEU B 109 4.61 20.71 -10.32
N PRO B 110 3.56 21.56 -10.39
CA PRO B 110 2.90 22.15 -9.25
C PRO B 110 1.80 21.26 -8.68
N ILE B 111 1.76 20.00 -9.10
CA ILE B 111 0.78 19.06 -8.61
C ILE B 111 1.52 17.78 -8.27
N PRO B 112 0.93 16.95 -7.40
CA PRO B 112 1.55 15.67 -7.09
C PRO B 112 1.67 14.79 -8.33
N VAL B 113 2.77 14.04 -8.39
CA VAL B 113 3.08 13.15 -9.48
C VAL B 113 3.50 11.83 -8.88
N VAL B 114 2.87 10.73 -9.33
CA VAL B 114 3.20 9.39 -8.90
C VAL B 114 3.47 8.51 -10.11
N GLY B 115 4.45 7.62 -9.98
CA GLY B 115 4.71 6.59 -10.98
C GLY B 115 4.39 5.22 -10.43
N VAL B 116 4.59 4.23 -11.31
CA VAL B 116 4.10 2.88 -11.06
C VAL B 116 5.16 1.96 -10.54
N ILE B 117 6.37 2.47 -10.34
CA ILE B 117 7.50 1.60 -9.93
C ILE B 117 7.61 1.51 -8.43
N LEU B 118 7.70 2.65 -7.76
CA LEU B 118 7.87 2.65 -6.30
C LEU B 118 6.76 1.93 -5.56
N PRO B 119 5.49 2.09 -5.99
CA PRO B 119 4.49 1.35 -5.27
C PRO B 119 4.64 -0.19 -5.34
N GLY B 120 5.11 -0.70 -6.49
CA GLY B 120 5.38 -2.10 -6.66
C GLY B 120 6.56 -2.57 -5.82
N ALA B 121 7.60 -1.75 -5.81
CA ALA B 121 8.80 -2.00 -4.98
C ALA B 121 8.40 -2.08 -3.51
N ARG B 122 7.60 -1.12 -3.06
CA ARG B 122 7.16 -1.10 -1.64
C ARG B 122 6.27 -2.28 -1.30
N ALA B 123 5.39 -2.66 -2.24
CA ALA B 123 4.53 -3.79 -2.02
C ALA B 123 5.36 -5.08 -1.91
N ALA B 124 6.40 -5.22 -2.74
CA ALA B 124 7.23 -6.42 -2.74
C ALA B 124 8.00 -6.51 -1.42
N VAL B 125 8.50 -5.39 -0.91
CA VAL B 125 9.18 -5.38 0.40
C VAL B 125 8.22 -5.82 1.51
N LYS B 126 6.97 -5.37 1.40
CA LYS B 126 5.95 -5.71 2.36
C LYS B 126 5.60 -7.17 2.35
N VAL B 127 5.49 -7.79 1.15
CA VAL B 127 5.00 -9.17 1.07
C VAL B 127 6.02 -10.28 1.16
N THR B 128 7.28 -9.99 0.85
CA THR B 128 8.32 -11.00 0.89
C THR B 128 8.56 -11.53 2.29
N LYS B 129 8.74 -12.84 2.38
CA LYS B 129 9.16 -13.46 3.63
C LYS B 129 10.57 -14.04 3.57
N ASN B 130 10.98 -14.48 2.38
CA ASN B 130 12.31 -15.07 2.20
C ASN B 130 13.35 -14.12 1.65
N ASN B 131 12.96 -12.87 1.46
CA ASN B 131 13.90 -11.83 0.99
C ASN B 131 14.50 -12.10 -0.38
N LYS B 132 13.72 -12.77 -1.24
CA LYS B 132 14.12 -13.02 -2.62
C LYS B 132 12.97 -12.53 -3.53
N ILE B 133 13.21 -11.40 -4.19
CA ILE B 133 12.19 -10.68 -5.00
C ILE B 133 12.73 -10.57 -6.42
N GLY B 134 11.88 -10.86 -7.40
CA GLY B 134 12.21 -10.55 -8.78
C GLY B 134 11.34 -9.43 -9.33
N VAL B 135 11.80 -8.85 -10.44
CA VAL B 135 10.97 -7.89 -11.23
C VAL B 135 11.22 -8.19 -12.70
N ILE B 136 10.13 -8.18 -13.46
CA ILE B 136 10.17 -8.28 -14.91
C ILE B 136 9.60 -7.02 -15.52
N GLY B 137 10.12 -6.67 -16.69
CA GLY B 137 9.70 -5.47 -17.38
C GLY B 137 10.41 -5.33 -18.72
N THR B 138 10.19 -4.20 -19.38
CA THR B 138 10.81 -3.92 -20.68
C THR B 138 12.32 -3.74 -20.50
N LEU B 139 13.03 -3.81 -21.62
CA LEU B 139 14.47 -3.45 -21.59
C LEU B 139 14.73 -2.12 -20.91
N GLY B 140 13.95 -1.09 -21.28
CA GLY B 140 14.12 0.22 -20.70
C GLY B 140 13.96 0.23 -19.19
N THR B 141 12.88 -0.41 -18.72
CA THR B 141 12.61 -0.43 -17.30
C THR B 141 13.75 -1.09 -16.55
N ILE B 142 14.18 -2.23 -17.05
CA ILE B 142 15.23 -3.01 -16.37
C ILE B 142 16.59 -2.32 -16.46
N LYS B 143 16.91 -1.76 -17.63
CA LYS B 143 18.20 -1.02 -17.80
C LYS B 143 18.36 0.13 -16.82
N SER B 144 17.26 0.81 -16.49
CA SER B 144 17.27 1.94 -15.59
C SER B 144 17.71 1.58 -14.18
N ALA B 145 17.56 0.30 -13.84
CA ALA B 145 17.75 -0.21 -12.49
C ALA B 145 16.90 0.43 -11.42
N SER B 146 15.78 1.06 -11.82
CA SER B 146 14.97 1.78 -10.86
C SER B 146 14.45 0.85 -9.76
N TYR B 147 14.08 -0.38 -10.10
CA TYR B 147 13.56 -1.29 -9.10
C TYR B 147 14.62 -1.71 -8.10
N GLU B 148 15.78 -2.08 -8.60
CA GLU B 148 16.86 -2.51 -7.72
C GLU B 148 17.26 -1.38 -6.79
N ILE B 149 17.34 -0.18 -7.34
CA ILE B 149 17.73 0.99 -6.53
C ILE B 149 16.68 1.30 -5.46
N ALA B 150 15.42 1.28 -5.85
CA ALA B 150 14.33 1.56 -4.92
C ALA B 150 14.32 0.55 -3.76
N ILE B 151 14.42 -0.72 -4.08
CA ILE B 151 14.29 -1.78 -3.07
C ILE B 151 15.53 -1.77 -2.18
N LYS B 152 16.70 -1.67 -2.79
CA LYS B 152 17.95 -1.70 -1.99
C LYS B 152 18.13 -0.46 -1.11
N SER B 153 17.55 0.66 -1.50
CA SER B 153 17.63 1.86 -0.65
C SER B 153 16.69 1.82 0.58
N LYS B 154 15.75 0.89 0.59
CA LYS B 154 14.77 0.75 1.64
C LYS B 154 15.07 -0.46 2.50
N ALA B 155 15.35 -1.60 1.86
CA ALA B 155 15.48 -2.86 2.55
C ALA B 155 16.59 -3.66 1.91
N PRO B 156 17.83 -3.31 2.28
CA PRO B 156 18.94 -3.86 1.56
C PRO B 156 19.27 -5.32 1.83
N ALA B 157 18.58 -5.96 2.76
CA ALA B 157 18.71 -7.41 2.94
C ALA B 157 18.10 -8.21 1.80
N ILE B 158 17.24 -7.57 1.02
CA ILE B 158 16.56 -8.29 -0.04
C ILE B 158 17.46 -8.49 -1.27
N GLU B 159 17.47 -9.72 -1.79
CA GLU B 159 18.10 -10.04 -3.05
C GLU B 159 17.09 -9.80 -4.16
N VAL B 160 17.48 -8.94 -5.08
CA VAL B 160 16.63 -8.55 -6.18
C VAL B 160 17.16 -9.10 -7.48
N THR B 161 16.31 -9.84 -8.21
CA THR B 161 16.64 -10.34 -9.55
C THR B 161 15.76 -9.59 -10.56
N SER B 162 16.39 -8.88 -11.48
CA SER B 162 15.70 -8.08 -12.49
C SER B 162 15.89 -8.75 -13.85
N LEU B 163 14.82 -8.89 -14.61
CA LEU B 163 14.88 -9.58 -15.87
C LEU B 163 14.05 -8.88 -16.92
N ALA B 164 14.69 -8.41 -17.99
CA ALA B 164 13.95 -7.86 -19.12
C ALA B 164 13.25 -8.99 -19.89
N CYS B 165 11.98 -8.76 -20.26
CA CYS B 165 11.16 -9.76 -20.94
C CYS B 165 10.61 -9.18 -22.27
N PRO B 166 11.50 -8.88 -23.22
CA PRO B 166 11.12 -8.12 -24.41
C PRO B 166 9.97 -8.66 -25.23
N LYS B 167 9.77 -9.96 -25.21
CA LYS B 167 8.69 -10.60 -25.99
C LYS B 167 7.30 -10.39 -25.38
N PHE B 168 7.24 -10.01 -24.10
CA PHE B 168 5.95 -10.00 -23.41
C PHE B 168 5.00 -8.92 -23.91
N VAL B 169 5.50 -7.70 -24.08
CA VAL B 169 4.64 -6.62 -24.60
C VAL B 169 4.10 -7.01 -25.99
N PRO B 170 4.98 -7.43 -26.93
CA PRO B 170 4.44 -7.96 -28.21
C PRO B 170 3.36 -9.04 -28.10
N ILE B 171 3.50 -10.00 -27.17
CA ILE B 171 2.48 -11.03 -26.97
C ILE B 171 1.14 -10.38 -26.66
N VAL B 172 1.15 -9.44 -25.71
CA VAL B 172 -0.11 -8.78 -25.29
C VAL B 172 -0.65 -7.90 -26.42
N GLU B 173 0.21 -7.12 -27.04
CA GLU B 173 -0.19 -6.25 -28.18
C GLU B 173 -0.83 -7.09 -29.30
N SER B 174 -0.35 -8.31 -29.51
CA SER B 174 -0.90 -9.20 -30.55
C SER B 174 -2.33 -9.65 -30.30
N ASN B 175 -2.81 -9.49 -29.09
CA ASN B 175 -4.11 -9.99 -28.64
C ASN B 175 -4.18 -11.51 -28.40
N GLN B 176 -3.07 -12.21 -28.58
CA GLN B 176 -3.05 -13.65 -28.52
C GLN B 176 -2.25 -14.06 -27.29
N TYR B 177 -2.64 -13.51 -26.16
CA TYR B 177 -1.88 -13.61 -24.91
C TYR B 177 -2.33 -14.79 -24.05
N ARG B 178 -3.26 -15.60 -24.58
CA ARG B 178 -3.66 -16.83 -23.90
C ARG B 178 -3.34 -18.09 -24.73
N SER B 179 -2.59 -17.93 -25.81
CA SER B 179 -2.33 -19.01 -26.76
C SER B 179 -1.26 -19.94 -26.27
N SER B 180 -1.16 -21.11 -26.91
CA SER B 180 -0.08 -22.05 -26.63
C SER B 180 1.27 -21.43 -26.91
N VAL B 181 1.36 -20.66 -28.00
CA VAL B 181 2.59 -19.95 -28.36
C VAL B 181 2.96 -18.98 -27.23
N ALA B 182 1.99 -18.22 -26.72
CA ALA B 182 2.29 -17.29 -25.62
C ALA B 182 2.78 -18.03 -24.38
N LYS B 183 2.13 -19.13 -24.03
CA LYS B 183 2.46 -19.87 -22.80
C LYS B 183 3.87 -20.42 -22.90
N LYS B 184 4.23 -20.93 -24.08
CA LYS B 184 5.60 -21.41 -24.31
C LYS B 184 6.65 -20.34 -24.15
N ILE B 185 6.41 -19.16 -24.70
CA ILE B 185 7.36 -18.07 -24.58
C ILE B 185 7.51 -17.62 -23.13
N VAL B 186 6.38 -17.49 -22.40
CA VAL B 186 6.48 -17.09 -21.01
C VAL B 186 7.33 -18.11 -20.22
N ALA B 187 7.08 -19.39 -20.46
CA ALA B 187 7.82 -20.46 -19.76
C ALA B 187 9.31 -20.37 -20.08
N GLU B 188 9.64 -20.19 -21.36
CA GLU B 188 11.06 -20.08 -21.83
C GLU B 188 11.75 -18.86 -21.20
N THR B 189 11.07 -17.72 -21.25
CA THR B 189 11.65 -16.48 -20.77
C THR B 189 11.90 -16.54 -19.27
N LEU B 190 10.98 -17.16 -18.52
CA LEU B 190 11.09 -17.13 -17.06
C LEU B 190 11.78 -18.35 -16.50
N GLN B 191 12.31 -19.20 -17.36
CA GLN B 191 12.86 -20.47 -16.88
C GLN B 191 13.98 -20.25 -15.89
N ALA B 192 14.93 -19.39 -16.21
CA ALA B 192 16.02 -19.14 -15.28
C ALA B 192 15.52 -18.48 -13.98
N LEU B 193 14.51 -17.62 -14.10
CA LEU B 193 13.97 -16.92 -12.94
C LEU B 193 13.27 -17.87 -11.95
N GLN B 194 12.49 -18.80 -12.50
CA GLN B 194 11.88 -19.87 -11.72
C GLN B 194 12.87 -20.51 -10.75
N LEU B 195 14.09 -20.70 -11.23
CA LEU B 195 15.15 -21.34 -10.45
C LEU B 195 15.70 -20.54 -9.25
N LYS B 196 15.43 -19.23 -9.18
CA LYS B 196 16.03 -18.37 -8.14
C LYS B 196 15.38 -18.53 -6.74
N GLY B 197 14.30 -19.30 -6.65
CA GLY B 197 13.59 -19.49 -5.39
C GLY B 197 12.98 -18.20 -4.84
N LEU B 198 12.47 -17.37 -5.74
CA LEU B 198 11.79 -16.14 -5.35
C LEU B 198 10.50 -16.47 -4.60
N ASP B 199 10.06 -15.57 -3.72
CA ASP B 199 8.70 -15.69 -3.21
C ASP B 199 7.79 -14.56 -3.70
N THR B 200 8.35 -13.63 -4.46
CA THR B 200 7.63 -12.44 -4.92
C THR B 200 8.17 -12.01 -6.28
N LEU B 201 7.29 -11.63 -7.20
CA LEU B 201 7.68 -11.19 -8.52
C LEU B 201 6.84 -10.00 -8.89
N ILE B 202 7.51 -8.89 -9.16
CA ILE B 202 6.80 -7.67 -9.57
C ILE B 202 6.52 -7.68 -11.06
N LEU B 203 5.26 -7.47 -11.43
CA LEU B 203 4.87 -7.36 -12.82
C LEU B 203 5.14 -5.91 -13.24
N GLY B 204 6.37 -5.61 -13.60
CA GLY B 204 6.81 -4.24 -13.83
C GLY B 204 6.52 -3.64 -15.19
N CYS B 205 5.29 -3.79 -15.66
CA CYS B 205 4.88 -3.34 -16.98
C CYS B 205 3.37 -3.33 -17.04
N THR B 206 2.83 -2.31 -17.70
CA THR B 206 1.37 -2.17 -17.84
C THR B 206 0.71 -3.39 -18.46
N HIS B 207 1.41 -4.08 -19.35
CA HIS B 207 0.84 -5.16 -20.13
C HIS B 207 0.75 -6.49 -19.38
N TYR B 208 1.54 -6.65 -18.32
CA TYR B 208 1.71 -7.98 -17.76
C TYR B 208 0.52 -8.51 -16.97
N PRO B 209 -0.37 -7.64 -16.43
CA PRO B 209 -1.59 -8.26 -15.86
C PRO B 209 -2.32 -9.17 -16.84
N LEU B 210 -2.22 -8.88 -18.14
CA LEU B 210 -2.90 -9.73 -19.14
C LEU B 210 -2.32 -11.15 -19.19
N LEU B 211 -1.06 -11.27 -18.80
CA LEU B 211 -0.33 -12.53 -18.77
C LEU B 211 -0.31 -13.18 -17.38
N ARG B 212 -0.97 -12.57 -16.40
CA ARG B 212 -0.81 -12.97 -15.02
C ARG B 212 -1.07 -14.45 -14.78
N PRO B 213 -2.19 -15.02 -15.32
CA PRO B 213 -2.39 -16.43 -14.99
C PRO B 213 -1.29 -17.35 -15.54
N VAL B 214 -0.77 -17.03 -16.71
CA VAL B 214 0.29 -17.80 -17.33
C VAL B 214 1.57 -17.66 -16.51
N ILE B 215 1.89 -16.43 -16.14
CA ILE B 215 3.07 -16.19 -15.28
C ILE B 215 2.94 -16.94 -13.95
N GLN B 216 1.76 -16.90 -13.34
CA GLN B 216 1.55 -17.61 -12.06
C GLN B 216 1.71 -19.12 -12.24
N ASN B 217 1.23 -19.67 -13.34
CA ASN B 217 1.39 -21.10 -13.61
C ASN B 217 2.86 -21.49 -13.72
N VAL B 218 3.63 -20.65 -14.39
CA VAL B 218 5.08 -20.88 -14.60
C VAL B 218 5.85 -20.74 -13.31
N MET B 219 5.54 -19.70 -12.53
CA MET B 219 6.33 -19.44 -11.30
C MET B 219 5.90 -20.31 -10.15
N GLY B 220 4.67 -20.78 -10.17
CA GLY B 220 4.11 -21.57 -9.08
C GLY B 220 3.29 -20.72 -8.14
N SER B 221 2.29 -21.35 -7.54
CA SER B 221 1.29 -20.69 -6.73
C SER B 221 1.88 -19.98 -5.51
N HIS B 222 3.09 -20.39 -5.06
CA HIS B 222 3.79 -19.82 -3.92
C HIS B 222 4.59 -18.51 -4.18
N VAL B 223 4.64 -18.08 -5.43
CA VAL B 223 5.24 -16.78 -5.76
C VAL B 223 4.13 -15.75 -5.81
N THR B 224 4.22 -14.72 -4.99
CA THR B 224 3.21 -13.66 -5.00
C THR B 224 3.54 -12.69 -6.09
N LEU B 225 2.59 -12.45 -6.99
CA LEU B 225 2.79 -11.51 -8.10
C LEU B 225 2.23 -10.16 -7.69
N ILE B 226 2.97 -9.12 -8.03
CA ILE B 226 2.59 -7.74 -7.66
C ILE B 226 2.19 -7.02 -8.92
N ASP B 227 0.96 -6.51 -8.92
CA ASP B 227 0.40 -5.78 -10.06
C ASP B 227 0.71 -4.30 -9.87
N SER B 228 1.47 -3.69 -10.78
CA SER B 228 1.93 -2.32 -10.61
C SER B 228 0.76 -1.35 -10.43
N GLY B 229 -0.19 -1.50 -11.29
CA GLY B 229 -1.35 -0.59 -11.26
C GLY B 229 -2.18 -0.71 -10.01
N ALA B 230 -2.40 -1.92 -9.54
CA ALA B 230 -3.18 -2.13 -8.33
C ALA B 230 -2.54 -1.46 -7.14
N GLU B 231 -1.23 -1.63 -7.01
CA GLU B 231 -0.54 -1.04 -5.89
C GLU B 231 -0.44 0.47 -5.99
N THR B 232 -0.23 0.97 -7.19
CA THR B 232 -0.09 2.39 -7.44
C THR B 232 -1.41 3.09 -7.12
N VAL B 233 -2.53 2.53 -7.53
CA VAL B 233 -3.79 3.17 -7.27
C VAL B 233 -4.11 3.17 -5.77
N GLY B 234 -3.74 2.08 -5.08
CA GLY B 234 -3.89 2.07 -3.61
C GLY B 234 -3.11 3.22 -2.97
N GLU B 235 -1.92 3.50 -3.48
CA GLU B 235 -1.11 4.61 -3.00
C GLU B 235 -1.70 6.00 -3.35
N VAL B 236 -2.22 6.10 -4.56
CA VAL B 236 -2.93 7.30 -4.98
C VAL B 236 -4.07 7.55 -4.04
N SER B 237 -4.85 6.54 -3.71
CA SER B 237 -5.97 6.66 -2.76
C SER B 237 -5.51 7.25 -1.43
N MET B 238 -4.42 6.72 -0.90
CA MET B 238 -3.90 7.23 0.37
C MET B 238 -3.44 8.69 0.21
N LEU B 239 -2.79 9.02 -0.90
CA LEU B 239 -2.27 10.37 -1.16
C LEU B 239 -3.37 11.41 -1.35
N LEU B 240 -4.48 11.01 -1.96
CA LEU B 240 -5.60 11.94 -2.16
C LEU B 240 -6.11 12.41 -0.81
N ASP B 241 -6.17 11.51 0.15
CA ASP B 241 -6.59 11.89 1.50
C ASP B 241 -5.50 12.65 2.23
N TYR B 242 -4.25 12.24 2.04
CA TYR B 242 -3.17 12.91 2.74
C TYR B 242 -2.96 14.36 2.29
N PHE B 243 -3.10 14.62 0.99
CA PHE B 243 -2.96 15.95 0.40
C PHE B 243 -4.29 16.70 0.50
N ASP B 244 -5.34 16.04 0.98
CA ASP B 244 -6.66 16.64 1.09
C ASP B 244 -7.19 17.15 -0.26
N ILE B 245 -7.09 16.30 -1.27
CA ILE B 245 -7.57 16.65 -2.60
C ILE B 245 -8.48 15.60 -3.22
N ALA B 246 -9.07 14.76 -2.39
CA ALA B 246 -10.01 13.77 -2.91
C ALA B 246 -11.30 14.43 -3.41
N HIS B 247 -11.87 13.84 -4.45
CA HIS B 247 -13.19 14.24 -4.93
C HIS B 247 -14.21 13.95 -3.84
N THR B 248 -15.31 14.71 -3.82
CA THR B 248 -16.41 14.43 -2.90
C THR B 248 -16.96 13.02 -3.16
N PRO B 249 -17.53 12.40 -2.12
CA PRO B 249 -17.99 11.03 -2.21
C PRO B 249 -19.33 10.93 -2.96
N GLU B 250 -19.24 11.07 -4.27
CA GLU B 250 -20.37 10.98 -5.18
C GLU B 250 -19.80 10.75 -6.60
N ALA B 251 -20.68 10.57 -7.59
CA ALA B 251 -20.20 10.45 -8.96
C ALA B 251 -19.71 11.81 -9.47
N PRO B 252 -18.63 11.85 -10.31
CA PRO B 252 -18.35 13.17 -10.93
C PRO B 252 -19.43 13.58 -11.90
N THR B 253 -19.52 14.89 -12.18
CA THR B 253 -20.57 15.48 -13.04
C THR B 253 -20.16 15.60 -14.52
N GLN B 254 -18.88 15.34 -14.81
CA GLN B 254 -18.35 15.33 -16.17
C GLN B 254 -17.75 13.95 -16.45
N PRO B 255 -17.80 13.48 -17.71
CA PRO B 255 -17.31 12.14 -17.99
C PRO B 255 -15.81 12.02 -17.88
N HIS B 256 -15.34 10.81 -17.70
CA HIS B 256 -13.92 10.51 -17.92
C HIS B 256 -13.59 10.90 -19.36
N GLU B 257 -12.33 11.26 -19.60
CA GLU B 257 -11.89 11.64 -20.92
C GLU B 257 -10.72 10.77 -21.36
N PHE B 258 -10.70 10.43 -22.65
CA PHE B 258 -9.69 9.53 -23.23
C PHE B 258 -9.09 10.15 -24.49
N TYR B 259 -7.77 10.19 -24.54
CA TYR B 259 -7.02 10.80 -25.62
C TYR B 259 -5.99 9.81 -26.10
N THR B 260 -5.75 9.82 -27.41
CA THR B 260 -4.73 8.96 -28.02
C THR B 260 -4.07 9.69 -29.15
N THR B 261 -2.79 9.36 -29.42
CA THR B 261 -2.15 9.89 -30.62
C THR B 261 -2.35 8.94 -31.82
N GLY B 262 -3.00 7.79 -31.58
CA GLY B 262 -3.38 6.85 -32.61
C GLY B 262 -4.83 7.00 -33.01
N SER B 263 -5.40 5.92 -33.54
CA SER B 263 -6.80 5.88 -33.96
C SER B 263 -7.71 5.89 -32.76
N ALA B 264 -8.60 6.90 -32.72
CA ALA B 264 -9.65 6.93 -31.70
C ALA B 264 -10.61 5.75 -31.82
N LYS B 265 -10.97 5.36 -33.04
CA LYS B 265 -11.87 4.22 -33.26
C LYS B 265 -11.30 2.95 -32.63
N MET B 266 -10.02 2.66 -32.86
CA MET B 266 -9.40 1.48 -32.29
C MET B 266 -9.31 1.56 -30.78
N PHE B 267 -8.95 2.74 -30.28
CA PHE B 267 -8.85 2.96 -28.84
C PHE B 267 -10.19 2.73 -28.16
N GLU B 268 -11.22 3.28 -28.77
CA GLU B 268 -12.58 3.09 -28.25
C GLU B 268 -13.00 1.64 -28.18
N GLU B 269 -12.69 0.88 -29.25
CA GLU B 269 -13.08 -0.49 -29.30
C GLU B 269 -12.43 -1.27 -28.16
N ILE B 270 -11.13 -1.04 -27.97
CA ILE B 270 -10.42 -1.76 -26.90
C ILE B 270 -10.91 -1.31 -25.51
N ALA B 271 -10.96 0.00 -25.30
CA ALA B 271 -11.29 0.59 -23.98
C ALA B 271 -12.73 0.28 -23.56
N SER B 272 -13.68 0.38 -24.49
CA SER B 272 -15.07 0.12 -24.10
C SER B 272 -15.25 -1.32 -23.60
N SER B 273 -14.62 -2.26 -24.30
CA SER B 273 -14.69 -3.70 -23.97
C SER B 273 -13.99 -3.96 -22.63
N TRP B 274 -12.76 -3.48 -22.55
CA TRP B 274 -11.92 -3.71 -21.36
C TRP B 274 -12.45 -3.08 -20.10
N LEU B 275 -12.97 -1.85 -20.19
CA LEU B 275 -13.41 -1.08 -19.03
C LEU B 275 -14.88 -1.32 -18.72
N GLY B 276 -15.61 -1.93 -19.65
CA GLY B 276 -17.05 -2.12 -19.51
C GLY B 276 -17.79 -0.81 -19.56
N ILE B 277 -17.37 0.09 -20.44
CA ILE B 277 -18.04 1.39 -20.61
C ILE B 277 -18.54 1.41 -22.05
N GLU B 278 -19.81 1.09 -22.28
CA GLU B 278 -20.23 1.04 -23.67
C GLU B 278 -20.28 2.45 -24.23
N ASN B 279 -19.97 2.55 -25.50
CA ASN B 279 -20.01 3.86 -26.14
C ASN B 279 -19.03 4.89 -25.53
N LEU B 280 -17.96 4.40 -24.90
CA LEU B 280 -16.83 5.23 -24.58
C LEU B 280 -16.37 5.96 -25.84
N LYS B 281 -16.04 7.22 -25.70
CA LYS B 281 -15.52 8.02 -26.81
C LYS B 281 -14.10 8.51 -26.48
N ALA B 282 -13.24 8.52 -27.49
CA ALA B 282 -11.91 9.06 -27.36
C ALA B 282 -11.65 10.07 -28.46
N GLN B 283 -10.63 10.91 -28.26
CA GLN B 283 -10.21 11.89 -29.26
C GLN B 283 -8.79 11.68 -29.61
N GLN B 284 -8.48 11.90 -30.89
CA GLN B 284 -7.13 11.80 -31.38
C GLN B 284 -6.46 13.16 -31.28
N ILE B 285 -5.26 13.19 -30.69
CA ILE B 285 -4.54 14.45 -30.51
C ILE B 285 -3.13 14.29 -31.03
N HIS B 286 -2.44 15.43 -31.14
CA HIS B 286 -1.07 15.43 -31.64
C HIS B 286 -0.12 15.90 -30.56
N LEU B 287 1.01 15.20 -30.44
CA LEU B 287 2.09 15.61 -29.53
C LEU B 287 3.39 15.90 -30.33
N GLY B 288 4.21 16.78 -29.76
CA GLY B 288 5.52 17.12 -30.32
C GLY B 288 5.37 18.27 -31.29
N1 I24 C . 1.02 -10.59 24.54
C2 I24 C . 0.62 -9.35 24.82
N3 I24 C . 0.58 -8.84 26.04
C4 I24 C . 0.96 -9.58 27.10
C5 I24 C . 1.40 -11.37 25.55
C6 I24 C . 1.39 -10.89 26.87
N7 I24 C . 1.82 -11.90 27.69
C8 I24 C . 2.08 -12.93 26.94
N9 I24 C . 1.84 -12.65 25.61
N10 I24 C . 0.90 -9.05 28.38
O11 I24 C . 0.25 -8.52 23.81
C12 I24 C . 0.05 -7.88 28.64
C13 I24 C . 0.34 -7.24 29.99
N14 I24 C . 1.79 -7.08 30.26
C15 I24 C . 2.42 -6.33 29.14
C16 I24 C . 3.88 -6.08 29.48
O17 I24 C . 3.88 -5.15 30.57
C18 I24 C . 3.33 -5.77 31.75
C19 I24 C . 1.90 -6.28 31.50
C20 I24 C . 0.66 -9.09 22.55
C21 I24 C . 2.09 -8.70 22.20
C22 I24 C . 2.24 -8.90 20.67
C23 I24 C . 3.71 -8.69 20.33
C24 I24 C . 2.02 -13.53 24.46
C25 I24 C . 3.21 -13.17 23.60
C26 I24 C . 4.48 -13.40 24.10
C27 I24 C . 5.60 -13.11 23.34
C28 I24 C . 5.44 -12.58 22.06
C29 I24 C . 4.15 -12.35 21.55
C30 I24 C . 3.06 -12.64 22.34
F31 I24 C . 4.57 -13.91 25.34
F32 I24 C . 1.79 -12.42 21.89
N DGL D . -3.78 -1.96 20.87
CA DGL D . -5.28 -2.21 20.88
C DGL D . -5.81 -2.20 19.46
O DGL D . -7.08 -2.11 19.29
CB DGL D . -5.59 -3.55 21.52
CG DGL D . -5.43 -3.57 23.06
CD DGL D . -6.34 -2.58 23.75
OE1 DGL D . -5.77 -1.48 24.13
OE2 DGL D . -7.55 -2.81 23.87
OXT DGL D . -5.02 -2.21 18.51
N1 I24 E . -7.13 -6.14 -25.99
C2 I24 E . -8.37 -6.07 -25.53
N3 I24 E . -9.42 -5.87 -26.33
C4 I24 E . -9.24 -5.67 -27.65
C5 I24 E . -6.92 -5.95 -27.30
C6 I24 E . -7.95 -5.72 -28.19
N7 I24 E . -7.40 -5.58 -29.45
C8 I24 E . -6.08 -5.74 -29.35
N9 I24 E . -5.79 -5.93 -28.03
N10 I24 E . -10.33 -5.43 -28.49
O11 I24 E . -8.66 -6.29 -24.24
C12 I24 E . -11.72 -5.30 -27.96
C13 I24 E . -12.43 -6.68 -28.15
N14 I24 E . -13.16 -6.73 -29.42
C15 I24 E . -12.22 -6.84 -30.53
C16 I24 E . -12.95 -7.11 -31.86
O17 I24 E . -13.72 -8.33 -31.81
C18 I24 E . -14.63 -8.32 -30.69
C19 I24 E . -13.93 -8.01 -29.35
C20 I24 E . -7.46 -6.21 -23.39
C21 I24 E . -7.11 -4.76 -23.09
C22 I24 E . -5.99 -4.68 -22.02
C23 I24 E . -5.67 -3.20 -21.77
C24 I24 E . -4.50 -6.25 -27.46
C25 I24 E . -3.80 -5.14 -26.72
C26 I24 E . -3.62 -5.26 -25.35
C27 I24 E . -2.93 -4.24 -24.67
C28 I24 E . -2.40 -3.16 -25.35
C29 I24 E . -2.56 -3.06 -26.73
C30 I24 E . -3.27 -4.07 -27.41
F31 I24 E . -4.11 -6.30 -24.67
F32 I24 E . -3.45 -3.99 -28.73
N DGL F . 3.62 0.92 -21.03
CA DGL F . 4.91 0.14 -21.14
C DGL F . 5.35 -0.26 -19.76
O DGL F . 6.56 -0.64 -19.63
CB DGL F . 4.83 -1.10 -22.02
CG DGL F . 4.58 -0.79 -23.50
CD DGL F . 5.77 -0.04 -24.05
OE1 DGL F . 5.62 1.18 -24.29
OE2 DGL F . 6.83 -0.70 -24.22
OXT DGL F . 4.59 -0.21 -18.80
#